data_3CLT
#
_entry.id   3CLT
#
_cell.length_a   116.692
_cell.length_b   116.692
_cell.length_c   84.412
_cell.angle_alpha   90.00
_cell.angle_beta   90.00
_cell.angle_gamma   120.00
#
_symmetry.space_group_name_H-M   'P 61'
#
loop_
_entity.id
_entity.type
_entity.pdbx_description
1 polymer 'Electron transfer flavoprotein subunit beta'
2 polymer 'Electron transfer flavoprotein subunit alpha'
3 non-polymer 'ADENOSINE MONOPHOSPHATE'
4 non-polymer 'FLAVIN-ADENINE DINUCLEOTIDE'
5 water water
#
loop_
_entity_poly.entity_id
_entity_poly.type
_entity_poly.pdbx_seq_one_letter_code
_entity_poly.pdbx_strand_id
1 'polypeptide(L)'
;MKILVAVKQTAALEEDFEIREDGMDVDEDFMMYDLNEWDDFSLEEAMKIKESSDTDVEVVVVSVGPDRVDESLRKCLAKG
ADRAVRVWDDAAEGSDAIVVGRILTEVIKKEAPDMVFAGVQSSDQAYASTGISVASYLNWPHAAVVADLQYKPGDNKAVI
RRELEGGMLQEVEINCPAVLTIQLGINKPRYASLRGIKQAATKPIEEVSLADIGLSANDVGAAQSMSRVRRMYIPEKGRA
TMIEGTISEQAAKIIQIINEFKGA
;
C
2 'polypeptide(L)'
;MSKILVIAEHRRNDLRPVSLELIGAANGLKKSGEDKVVVAVIGSQADAFVPALSVNGVDELVVVKGSSIDFDPDVFEASV
SALIAAHNPSVVLLPHSVDSLGYASSLASKTGYGFATDVYIVEYQGDELVATRGGYNQKVNVEVDFPGKSTVVLTIRPSV
FKPLEGAGSPVVSNVDAPSVQSRSQNKDYVEVGGGNDIDITTVDFIMSIGRGIGEETNVEQFRELADEAGATLCCSEPIA
DAGWLPKSRQVGQSGKVVGSCKLYVAMGISGSIQHMAGMKHVPTIIAVNTDPGASIFTIAKYGIVADIFDIEEELKAQLA
A
;
D
#
loop_
_chem_comp.id
_chem_comp.type
_chem_comp.name
_chem_comp.formula
AMP non-polymer 'ADENOSINE MONOPHOSPHATE' 'C10 H14 N5 O7 P'
FAD non-polymer 'FLAVIN-ADENINE DINUCLEOTIDE' 'C27 H33 N9 O15 P2'
#
# COMPACT_ATOMS: atom_id res chain seq x y z
N MET A 1 -2.29 29.01 11.70
CA MET A 1 -2.58 27.56 11.57
C MET A 1 -2.40 27.16 10.09
N LYS A 2 -1.60 26.12 9.87
CA LYS A 2 -1.22 25.71 8.51
C LYS A 2 -1.20 24.19 8.40
N ILE A 3 -1.78 23.69 7.32
CA ILE A 3 -1.69 22.27 6.99
C ILE A 3 -0.89 22.18 5.70
N LEU A 4 0.16 21.38 5.72
CA LEU A 4 0.97 21.15 4.55
C LEU A 4 0.64 19.79 3.96
N VAL A 5 0.31 19.79 2.67
CA VAL A 5 -0.08 18.56 1.97
C VAL A 5 0.96 18.25 0.88
N ALA A 6 1.70 17.17 1.07
CA ALA A 6 2.65 16.69 0.07
C ALA A 6 1.87 15.94 -1.00
N VAL A 7 2.06 16.34 -2.26
CA VAL A 7 1.36 15.72 -3.38
C VAL A 7 2.35 15.27 -4.47
N LYS A 8 2.01 14.17 -5.13
CA LYS A 8 2.74 13.63 -6.25
C LYS A 8 1.87 13.61 -7.50
N GLN A 9 2.45 14.09 -8.61
CA GLN A 9 1.90 13.83 -9.93
C GLN A 9 2.47 12.51 -10.43
N THR A 10 1.59 11.52 -10.53
CA THR A 10 1.96 10.18 -10.92
C THR A 10 1.85 10.00 -12.43
N ALA A 11 2.50 8.94 -12.92
CA ALA A 11 2.48 8.56 -14.32
C ALA A 11 1.73 7.25 -14.49
N ALA A 12 0.87 7.19 -15.50
CA ALA A 12 0.23 5.97 -15.91
C ALA A 12 0.69 5.69 -17.34
N LEU A 13 0.73 4.41 -17.72
CA LEU A 13 1.29 4.04 -19.02
C LEU A 13 0.22 3.73 -20.05
N GLU A 14 0.42 4.24 -21.26
CA GLU A 14 -0.39 3.88 -22.42
C GLU A 14 -0.08 2.45 -22.86
N GLU A 15 -1.01 1.88 -23.62
CA GLU A 15 -0.84 0.52 -24.13
C GLU A 15 0.36 0.49 -25.06
N ASP A 16 1.02 -0.65 -25.12
CA ASP A 16 2.18 -0.86 -26.00
C ASP A 16 3.38 0.00 -25.61
N PHE A 17 3.45 0.41 -24.34
CA PHE A 17 4.62 1.11 -23.84
C PHE A 17 5.86 0.22 -24.00
N GLU A 18 7.02 0.88 -24.05
CA GLU A 18 8.30 0.22 -24.27
C GLU A 18 9.27 0.67 -23.19
N ILE A 19 10.20 -0.21 -22.83
CA ILE A 19 11.30 0.13 -21.93
C ILE A 19 12.31 0.97 -22.73
N ARG A 20 12.83 2.04 -22.12
CA ARG A 20 13.80 2.92 -22.78
C ARG A 20 15.15 2.22 -22.96
N GLU A 21 16.00 2.75 -23.86
CA GLU A 21 17.18 2.02 -24.32
C GLU A 21 18.10 1.56 -23.19
N ASP A 22 18.32 2.41 -22.20
CA ASP A 22 19.16 2.06 -21.04
C ASP A 22 18.55 1.03 -20.07
N GLY A 23 17.27 0.72 -20.24
CA GLY A 23 16.62 -0.34 -19.45
C GLY A 23 16.32 0.03 -18.00
N MET A 24 16.43 1.32 -17.68
CA MET A 24 16.25 1.80 -16.31
C MET A 24 14.85 2.34 -16.06
N ASP A 25 14.10 2.58 -17.13
CA ASP A 25 12.76 3.13 -17.00
C ASP A 25 11.97 2.90 -18.29
N VAL A 26 10.69 3.22 -18.22
CA VAL A 26 9.81 3.19 -19.38
C VAL A 26 10.03 4.46 -20.17
N ASP A 27 9.89 4.38 -21.50
CA ASP A 27 9.99 5.54 -22.36
C ASP A 27 8.88 6.55 -22.00
N GLU A 28 9.31 7.79 -21.74
CA GLU A 28 8.44 8.87 -21.26
C GLU A 28 7.32 9.22 -22.24
N ASP A 29 7.50 8.88 -23.52
CA ASP A 29 6.48 9.11 -24.55
C ASP A 29 5.19 8.32 -24.30
N PHE A 30 5.24 7.30 -23.45
CA PHE A 30 4.07 6.48 -23.13
C PHE A 30 3.39 6.84 -21.81
N MET A 31 3.85 7.93 -21.19
CA MET A 31 3.35 8.32 -19.88
C MET A 31 2.27 9.39 -19.96
N MET A 32 1.23 9.20 -19.16
CA MET A 32 0.18 10.19 -18.93
C MET A 32 0.24 10.57 -17.46
N TYR A 33 0.21 11.87 -17.18
CA TYR A 33 0.45 12.39 -15.83
C TYR A 33 -0.83 12.96 -15.23
N ASP A 34 -1.03 12.70 -13.94
CA ASP A 34 -2.15 13.27 -13.20
C ASP A 34 -1.82 13.27 -11.72
N LEU A 35 -2.63 13.98 -10.93
CA LEU A 35 -2.47 13.95 -9.48
C LEU A 35 -2.72 12.54 -8.95
N ASN A 36 -1.86 12.09 -8.06
CA ASN A 36 -2.06 10.82 -7.35
C ASN A 36 -3.43 10.78 -6.67
N GLU A 37 -4.15 9.68 -6.86
CA GLU A 37 -5.50 9.50 -6.33
C GLU A 37 -5.61 9.78 -4.82
N TRP A 38 -4.65 9.27 -4.05
CA TRP A 38 -4.61 9.49 -2.59
C TRP A 38 -4.52 10.96 -2.20
N ASP A 39 -3.86 11.76 -3.03
CA ASP A 39 -3.75 13.20 -2.80
C ASP A 39 -5.07 13.97 -2.92
N ASP A 40 -6.01 13.46 -3.72
CA ASP A 40 -7.36 14.05 -3.78
C ASP A 40 -8.02 14.00 -2.39
N PHE A 41 -7.88 12.86 -1.72
CA PHE A 41 -8.47 12.65 -0.40
C PHE A 41 -7.75 13.45 0.69
N SER A 42 -6.42 13.48 0.65
N SER A 42 -6.42 13.46 0.63
CA SER A 42 -5.66 14.24 1.65
CA SER A 42 -5.60 14.19 1.57
C SER A 42 -5.89 15.74 1.50
C SER A 42 -5.86 15.71 1.48
N LEU A 43 -5.90 16.23 0.26
CA LEU A 43 -6.20 17.64 0.02
C LEU A 43 -7.61 17.97 0.49
N GLU A 44 -8.59 17.13 0.15
CA GLU A 44 -9.96 17.32 0.62
C GLU A 44 -10.04 17.37 2.15
N GLU A 45 -9.29 16.50 2.83
CA GLU A 45 -9.33 16.48 4.30
C GLU A 45 -8.80 17.80 4.91
N ALA A 46 -7.75 18.34 4.32
CA ALA A 46 -7.24 19.66 4.72
C ALA A 46 -8.30 20.77 4.50
N MET A 47 -8.99 20.70 3.36
CA MET A 47 -10.03 21.66 3.05
C MET A 47 -11.22 21.55 3.99
N LYS A 48 -11.59 20.32 4.35
CA LYS A 48 -12.65 20.10 5.33
C LYS A 48 -12.28 20.75 6.67
N ILE A 49 -11.02 20.57 7.08
CA ILE A 49 -10.54 21.20 8.32
C ILE A 49 -10.57 22.74 8.22
N LYS A 50 -10.12 23.27 7.08
CA LYS A 50 -10.20 24.72 6.80
C LYS A 50 -11.64 25.27 6.89
N GLU A 51 -12.60 24.53 6.32
CA GLU A 51 -14.00 24.96 6.29
C GLU A 51 -14.73 24.78 7.62
N SER A 52 -14.32 23.82 8.43
CA SER A 52 -14.94 23.60 9.74
C SER A 52 -14.50 24.62 10.81
N SER A 53 -13.46 25.38 10.49
CA SER A 53 -12.78 26.26 11.45
C SER A 53 -13.15 27.73 11.23
N ASP A 54 -13.41 28.47 12.31
CA ASP A 54 -13.44 29.94 12.23
C ASP A 54 -12.01 30.53 12.25
N THR A 55 -11.05 29.77 12.76
CA THR A 55 -9.64 30.21 12.72
C THR A 55 -9.13 30.03 11.28
N ASP A 56 -8.26 30.93 10.83
CA ASP A 56 -7.69 30.81 9.49
C ASP A 56 -6.84 29.53 9.42
N VAL A 57 -6.98 28.79 8.33
CA VAL A 57 -6.20 27.60 8.08
C VAL A 57 -5.57 27.77 6.71
N GLU A 58 -4.25 27.92 6.67
CA GLU A 58 -3.53 27.98 5.39
C GLU A 58 -3.27 26.56 4.92
N VAL A 59 -3.71 26.25 3.71
CA VAL A 59 -3.48 24.93 3.11
C VAL A 59 -2.43 25.09 2.00
N VAL A 60 -1.28 24.46 2.23
CA VAL A 60 -0.12 24.57 1.32
C VAL A 60 0.17 23.20 0.70
N VAL A 61 0.15 23.14 -0.64
CA VAL A 61 0.51 21.91 -1.34
C VAL A 61 1.97 22.00 -1.80
N VAL A 62 2.69 20.90 -1.69
CA VAL A 62 4.11 20.86 -2.01
C VAL A 62 4.40 19.59 -2.80
N SER A 63 5.16 19.74 -3.89
CA SER A 63 5.55 18.61 -4.69
C SER A 63 7.00 18.74 -5.15
N VAL A 64 7.71 17.61 -5.10
CA VAL A 64 9.05 17.50 -5.63
C VAL A 64 8.97 16.84 -7.01
N GLY A 65 9.24 17.61 -8.06
CA GLY A 65 9.20 17.04 -9.39
C GLY A 65 9.48 18.08 -10.46
N PRO A 66 9.71 17.63 -11.70
CA PRO A 66 10.02 18.53 -12.82
C PRO A 66 8.82 19.40 -13.20
N ASP A 67 8.97 20.24 -14.21
CA ASP A 67 8.01 21.31 -14.49
C ASP A 67 6.62 20.85 -14.91
N ARG A 68 6.51 19.60 -15.38
CA ARG A 68 5.20 19.00 -15.69
C ARG A 68 4.25 19.05 -14.50
N VAL A 69 4.83 18.98 -13.30
CA VAL A 69 4.07 18.93 -12.07
C VAL A 69 3.26 20.21 -11.80
N ASP A 70 3.68 21.34 -12.35
CA ASP A 70 2.93 22.61 -12.14
C ASP A 70 1.45 22.47 -12.53
N GLU A 71 1.16 21.70 -13.58
CA GLU A 71 -0.23 21.48 -14.00
C GLU A 71 -1.09 20.90 -12.86
N SER A 72 -0.54 19.94 -12.13
CA SER A 72 -1.26 19.36 -11.01
C SER A 72 -1.37 20.35 -9.85
N LEU A 73 -0.32 21.13 -9.60
CA LEU A 73 -0.33 22.09 -8.48
C LEU A 73 -1.36 23.20 -8.73
N ARG A 74 -1.44 23.63 -9.99
CA ARG A 74 -2.41 24.62 -10.44
C ARG A 74 -3.86 24.16 -10.19
N LYS A 75 -4.12 22.89 -10.44
CA LYS A 75 -5.43 22.29 -10.19
C LYS A 75 -5.76 22.23 -8.69
N CYS A 76 -4.76 21.97 -7.86
CA CYS A 76 -4.90 22.08 -6.41
C CYS A 76 -5.29 23.48 -5.96
N LEU A 77 -4.62 24.50 -6.50
CA LEU A 77 -4.97 25.87 -6.20
C LEU A 77 -6.41 26.16 -6.62
N ALA A 78 -6.83 25.63 -7.77
CA ALA A 78 -8.19 25.86 -8.27
C ALA A 78 -9.27 25.26 -7.36
N LYS A 79 -8.91 24.21 -6.64
CA LYS A 79 -9.82 23.61 -5.65
C LYS A 79 -9.81 24.33 -4.28
N GLY A 80 -8.96 25.34 -4.14
CA GLY A 80 -8.97 26.20 -2.96
C GLY A 80 -7.76 26.13 -2.05
N ALA A 81 -6.75 25.33 -2.41
CA ALA A 81 -5.45 25.40 -1.72
C ALA A 81 -4.96 26.84 -1.79
N ASP A 82 -4.37 27.31 -0.69
CA ASP A 82 -3.92 28.71 -0.59
C ASP A 82 -2.63 28.99 -1.34
N ARG A 83 -1.70 28.05 -1.25
CA ARG A 83 -0.37 28.19 -1.83
C ARG A 83 0.09 26.84 -2.37
N ALA A 84 0.97 26.89 -3.38
CA ALA A 84 1.56 25.68 -3.97
C ALA A 84 3.05 25.91 -4.24
N VAL A 85 3.84 24.88 -3.93
CA VAL A 85 5.28 24.93 -4.01
C VAL A 85 5.78 23.73 -4.83
N ARG A 86 6.60 24.00 -5.85
CA ARG A 86 7.32 22.94 -6.57
C ARG A 86 8.80 23.03 -6.28
N VAL A 87 9.39 21.92 -5.80
CA VAL A 87 10.83 21.84 -5.55
C VAL A 87 11.45 21.03 -6.66
N TRP A 88 12.50 21.55 -7.29
CA TRP A 88 13.24 20.76 -8.26
C TRP A 88 14.62 21.29 -8.63
N ASP A 89 15.50 20.34 -8.95
CA ASP A 89 16.62 20.55 -9.84
C ASP A 89 16.84 19.22 -10.53
N ASP A 90 17.43 19.24 -11.71
CA ASP A 90 17.66 18.01 -12.47
C ASP A 90 18.51 16.99 -11.71
N ALA A 91 19.36 17.45 -10.79
CA ALA A 91 20.13 16.54 -9.95
C ALA A 91 19.23 15.62 -9.12
N ALA A 92 18.00 16.06 -8.84
CA ALA A 92 17.07 15.26 -8.01
C ALA A 92 16.45 14.07 -8.76
N GLU A 93 16.71 13.97 -10.06
CA GLU A 93 16.25 12.84 -10.85
C GLU A 93 16.68 11.51 -10.23
N GLY A 94 15.76 10.56 -10.12
CA GLY A 94 16.08 9.24 -9.58
C GLY A 94 16.02 9.13 -8.07
N SER A 95 15.54 10.19 -7.41
CA SER A 95 15.42 10.18 -5.96
C SER A 95 14.32 9.21 -5.54
N ASP A 96 14.64 8.30 -4.63
CA ASP A 96 13.63 7.35 -4.13
C ASP A 96 12.76 8.01 -3.04
N ALA A 97 11.91 7.21 -2.39
CA ALA A 97 10.97 7.72 -1.38
C ALA A 97 11.69 8.41 -0.22
N ILE A 98 12.85 7.86 0.14
CA ILE A 98 13.60 8.32 1.31
C ILE A 98 14.30 9.64 1.00
N VAL A 99 14.87 9.76 -0.18
CA VAL A 99 15.45 11.02 -0.62
C VAL A 99 14.38 12.10 -0.81
N VAL A 100 13.25 11.74 -1.43
CA VAL A 100 12.15 12.69 -1.56
C VAL A 100 11.66 13.11 -0.16
N GLY A 101 11.64 12.17 0.79
CA GLY A 101 11.27 12.49 2.17
C GLY A 101 12.17 13.55 2.76
N ARG A 102 13.48 13.39 2.51
CA ARG A 102 14.50 14.35 2.92
C ARG A 102 14.26 15.73 2.29
N ILE A 103 14.02 15.76 0.98
CA ILE A 103 13.80 17.02 0.28
C ILE A 103 12.54 17.73 0.81
N LEU A 104 11.45 17.00 0.92
CA LEU A 104 10.20 17.53 1.49
C LEU A 104 10.40 18.12 2.89
N THR A 105 11.19 17.44 3.71
CA THR A 105 11.45 17.89 5.06
C THR A 105 12.13 19.26 5.08
N GLU A 106 12.99 19.56 4.10
CA GLU A 106 13.66 20.87 4.06
C GLU A 106 12.68 22.00 3.77
N VAL A 107 11.66 21.73 2.96
CA VAL A 107 10.56 22.69 2.77
C VAL A 107 9.69 22.82 4.03
N ILE A 108 9.35 21.69 4.61
CA ILE A 108 8.50 21.66 5.82
C ILE A 108 9.15 22.41 6.99
N LYS A 109 10.47 22.28 7.14
CA LYS A 109 11.21 23.03 8.16
C LYS A 109 10.95 24.54 8.06
N LYS A 110 10.90 25.06 6.83
CA LYS A 110 10.69 26.48 6.59
C LYS A 110 9.23 26.89 6.75
N GLU A 111 8.32 26.00 6.35
CA GLU A 111 6.89 26.27 6.43
C GLU A 111 6.34 26.14 7.85
N ALA A 112 6.96 25.27 8.65
CA ALA A 112 6.59 25.07 10.05
C ALA A 112 5.09 24.89 10.20
N PRO A 113 4.53 23.87 9.51
CA PRO A 113 3.09 23.63 9.56
C PRO A 113 2.67 22.98 10.88
N ASP A 114 1.37 22.99 11.14
CA ASP A 114 0.81 22.36 12.35
C ASP A 114 0.46 20.89 12.13
N MET A 115 0.27 20.51 10.87
CA MET A 115 0.04 19.13 10.47
C MET A 115 0.58 18.94 9.07
N VAL A 116 1.06 17.73 8.81
CA VAL A 116 1.48 17.32 7.47
C VAL A 116 0.67 16.11 7.03
N PHE A 117 0.06 16.20 5.85
CA PHE A 117 -0.66 15.09 5.25
C PHE A 117 0.10 14.60 4.00
N ALA A 118 0.12 13.28 3.85
CA ALA A 118 0.63 12.62 2.66
C ALA A 118 -0.32 11.50 2.32
N GLY A 119 -0.28 11.01 1.09
CA GLY A 119 -1.07 9.84 0.70
C GLY A 119 -0.45 8.56 1.25
N VAL A 120 -1.29 7.54 1.42
CA VAL A 120 -0.80 6.22 1.85
C VAL A 120 0.27 5.70 0.90
N GLN A 121 -0.01 5.76 -0.41
CA GLN A 121 0.93 5.35 -1.44
C GLN A 121 0.65 6.07 -2.76
N SER A 122 1.58 5.93 -3.72
CA SER A 122 1.43 6.48 -5.07
C SER A 122 0.90 5.39 -5.99
N SER A 123 0.04 5.77 -6.93
CA SER A 123 -0.57 4.79 -7.83
C SER A 123 0.45 4.19 -8.78
N ASP A 124 1.55 4.89 -9.04
CA ASP A 124 2.55 4.36 -9.97
C ASP A 124 3.51 3.40 -9.28
N GLN A 125 4.28 3.90 -8.34
CA GLN A 125 5.35 3.10 -7.74
C GLN A 125 4.90 2.37 -6.46
N ALA A 126 3.86 2.90 -5.80
CA ALA A 126 3.28 2.24 -4.63
C ALA A 126 4.35 1.82 -3.61
N TYR A 127 5.23 2.76 -3.27
CA TYR A 127 6.27 2.53 -2.26
C TYR A 127 5.66 2.45 -0.87
N ALA A 128 4.58 3.22 -0.66
CA ALA A 128 3.98 3.42 0.66
C ALA A 128 5.06 3.74 1.70
N SER A 129 5.92 4.70 1.36
CA SER A 129 7.13 5.02 2.14
C SER A 129 7.39 6.50 2.36
N THR A 130 6.96 7.35 1.42
CA THR A 130 7.41 8.74 1.40
C THR A 130 6.97 9.57 2.62
N GLY A 131 5.68 9.52 2.93
CA GLY A 131 5.15 10.25 4.10
C GLY A 131 5.79 9.88 5.42
N ILE A 132 5.98 8.59 5.68
CA ILE A 132 6.57 8.15 6.95
C ILE A 132 8.08 8.44 6.99
N SER A 133 8.74 8.49 5.84
CA SER A 133 10.13 8.98 5.77
C SER A 133 10.20 10.46 6.19
N VAL A 134 9.26 11.28 5.70
CA VAL A 134 9.16 12.67 6.15
C VAL A 134 9.06 12.73 7.68
N ALA A 135 8.21 11.88 8.26
CA ALA A 135 8.03 11.86 9.71
C ALA A 135 9.32 11.56 10.48
N SER A 136 10.16 10.70 9.90
CA SER A 136 11.45 10.39 10.49
C SER A 136 12.38 11.59 10.48
N TYR A 137 12.54 12.25 9.33
CA TYR A 137 13.43 13.42 9.25
C TYR A 137 12.94 14.60 10.12
N LEU A 138 11.63 14.76 10.22
CA LEU A 138 11.03 15.79 11.08
C LEU A 138 11.13 15.44 12.56
N ASN A 139 11.29 14.15 12.82
CA ASN A 139 11.09 13.57 14.15
C ASN A 139 9.73 13.98 14.73
N TRP A 140 8.67 13.67 13.98
CA TRP A 140 7.32 13.97 14.41
C TRP A 140 6.53 12.69 14.69
N PRO A 141 5.54 12.79 15.58
CA PRO A 141 4.55 11.73 15.72
C PRO A 141 3.98 11.39 14.34
N HIS A 142 3.61 10.14 14.13
CA HIS A 142 3.06 9.71 12.84
C HIS A 142 2.16 8.49 12.93
N ALA A 143 1.26 8.39 11.95
CA ALA A 143 0.41 7.21 11.75
C ALA A 143 0.18 7.06 10.25
N ALA A 144 0.12 5.80 9.81
CA ALA A 144 -0.11 5.46 8.41
C ALA A 144 -1.46 4.76 8.20
N VAL A 145 -2.09 5.10 7.07
CA VAL A 145 -3.36 4.52 6.61
C VAL A 145 -4.53 5.05 7.42
N VAL A 146 -4.63 6.37 7.47
CA VAL A 146 -5.65 7.06 8.25
C VAL A 146 -6.96 7.20 7.44
N ALA A 147 -8.01 6.59 7.97
CA ALA A 147 -9.33 6.57 7.33
C ALA A 147 -10.33 7.47 8.02
N ASP A 148 -9.95 8.04 9.16
CA ASP A 148 -10.78 8.98 9.89
C ASP A 148 -9.87 9.87 10.74
N LEU A 149 -10.23 11.15 10.83
CA LEU A 149 -9.46 12.12 11.58
C LEU A 149 -10.37 13.05 12.37
N GLN A 150 -10.24 13.03 13.70
CA GLN A 150 -10.93 13.99 14.54
C GLN A 150 -9.87 14.96 15.04
N TYR A 151 -9.96 16.20 14.56
CA TYR A 151 -8.94 17.20 14.82
C TYR A 151 -9.53 18.60 14.65
N LYS A 152 -9.30 19.47 15.63
CA LYS A 152 -9.57 20.89 15.48
C LYS A 152 -8.23 21.65 15.54
N PRO A 153 -8.07 22.66 14.66
CA PRO A 153 -6.87 23.50 14.66
C PRO A 153 -6.39 23.94 16.04
N GLY A 154 -5.11 23.75 16.30
CA GLY A 154 -4.53 24.15 17.58
C GLY A 154 -4.60 23.12 18.69
N ASP A 155 -5.29 21.99 18.46
CA ASP A 155 -5.33 20.92 19.46
C ASP A 155 -3.98 20.22 19.51
N ASN A 156 -3.55 19.83 20.70
CA ASN A 156 -2.27 19.14 20.81
C ASN A 156 -2.37 17.62 20.68
N LYS A 157 -3.59 17.12 20.50
CA LYS A 157 -3.84 15.72 20.15
C LYS A 157 -4.97 15.60 19.12
N ALA A 158 -4.95 14.50 18.37
CA ALA A 158 -6.02 14.16 17.44
C ALA A 158 -6.37 12.71 17.64
N VAL A 159 -7.55 12.32 17.18
CA VAL A 159 -7.93 10.91 17.24
C VAL A 159 -8.14 10.45 15.83
N ILE A 160 -7.39 9.40 15.45
CA ILE A 160 -7.47 8.87 14.09
C ILE A 160 -7.97 7.44 14.14
N ARG A 161 -8.45 6.96 13.01
CA ARG A 161 -8.69 5.53 12.81
C ARG A 161 -7.81 5.05 11.69
N ARG A 162 -6.97 4.07 11.98
CA ARG A 162 -6.23 3.47 10.88
C ARG A 162 -6.96 2.23 10.35
N GLU A 163 -6.92 2.07 9.02
CA GLU A 163 -7.68 1.03 8.35
C GLU A 163 -6.82 -0.23 8.24
N LEU A 164 -7.22 -1.26 8.98
CA LEU A 164 -6.46 -2.49 9.08
C LEU A 164 -6.98 -3.54 8.10
N GLU A 165 -6.22 -4.61 7.97
CA GLU A 165 -6.61 -5.73 7.13
C GLU A 165 -7.85 -6.39 7.72
N GLY A 166 -8.72 -6.93 6.86
CA GLY A 166 -9.78 -7.80 7.32
C GLY A 166 -11.00 -7.12 7.90
N GLY A 167 -11.25 -5.88 7.50
CA GLY A 167 -12.51 -5.22 7.83
C GLY A 167 -12.58 -4.60 9.22
N MET A 168 -11.43 -4.24 9.76
CA MET A 168 -11.42 -3.55 11.05
C MET A 168 -10.54 -2.31 11.03
N LEU A 169 -10.80 -1.42 11.99
CA LEU A 169 -10.04 -0.21 12.20
C LEU A 169 -9.44 -0.20 13.60
N GLN A 170 -8.47 0.67 13.81
CA GLN A 170 -7.98 0.95 15.17
C GLN A 170 -7.97 2.46 15.41
N GLU A 171 -8.68 2.86 16.45
CA GLU A 171 -8.62 4.22 16.95
C GLU A 171 -7.28 4.43 17.68
N VAL A 172 -6.65 5.56 17.39
CA VAL A 172 -5.36 5.93 17.97
C VAL A 172 -5.39 7.43 18.29
N GLU A 173 -5.00 7.80 19.51
CA GLU A 173 -4.84 9.20 19.89
C GLU A 173 -3.40 9.58 19.63
N ILE A 174 -3.18 10.63 18.85
CA ILE A 174 -1.83 10.99 18.41
C ILE A 174 -1.51 12.44 18.75
N ASN A 175 -0.29 12.66 19.27
CA ASN A 175 0.20 14.01 19.55
C ASN A 175 0.29 14.81 18.25
N CYS A 176 -0.10 16.07 18.31
CA CYS A 176 0.04 17.02 17.19
C CYS A 176 1.06 18.12 17.57
N PRO A 177 1.85 18.60 16.60
CA PRO A 177 1.89 18.28 15.16
C PRO A 177 2.24 16.83 14.85
N ALA A 178 1.66 16.32 13.78
CA ALA A 178 1.88 14.95 13.32
C ALA A 178 1.90 14.85 11.81
N VAL A 179 2.58 13.82 11.30
CA VAL A 179 2.48 13.40 9.91
C VAL A 179 1.49 12.23 9.85
N LEU A 180 0.48 12.36 8.99
CA LEU A 180 -0.49 11.28 8.74
C LEU A 180 -0.47 10.91 7.25
N THR A 181 -0.50 9.63 6.94
CA THR A 181 -0.73 9.18 5.58
C THR A 181 -2.21 8.83 5.48
N ILE A 182 -2.84 9.35 4.45
CA ILE A 182 -4.29 9.41 4.35
C ILE A 182 -4.77 8.38 3.33
N GLN A 183 -5.75 7.60 3.76
CA GLN A 183 -6.30 6.52 2.94
C GLN A 183 -7.52 6.97 2.14
N LEU A 184 -7.69 6.32 0.99
CA LEU A 184 -8.92 6.43 0.20
C LEU A 184 -10.15 6.26 1.08
N GLY A 185 -11.19 7.03 0.78
CA GLY A 185 -12.47 6.88 1.48
C GLY A 185 -12.65 7.66 2.76
N ILE A 186 -11.60 8.36 3.21
CA ILE A 186 -11.68 9.21 4.40
C ILE A 186 -12.75 10.31 4.26
N ASN A 187 -12.99 10.74 3.03
CA ASN A 187 -14.00 11.72 2.70
C ASN A 187 -14.45 11.47 1.27
N LYS A 188 -15.37 12.28 0.77
CA LYS A 188 -15.78 12.20 -0.61
C LYS A 188 -15.37 13.48 -1.30
N PRO A 189 -14.18 13.49 -1.95
CA PRO A 189 -13.72 14.72 -2.60
C PRO A 189 -14.78 15.31 -3.52
N ARG A 190 -15.01 16.61 -3.38
CA ARG A 190 -16.11 17.29 -4.07
C ARG A 190 -15.89 17.49 -5.58
N TYR A 191 -14.63 17.61 -6.01
CA TYR A 191 -14.33 17.90 -7.43
C TYR A 191 -13.82 16.65 -8.17
N ALA A 192 -14.62 15.59 -8.15
CA ALA A 192 -14.25 14.32 -8.76
C ALA A 192 -13.99 14.47 -10.26
N SER A 193 -12.79 14.06 -10.69
CA SER A 193 -12.43 14.05 -12.11
C SER A 193 -13.04 12.83 -12.81
N THR A 202 -3.44 36.06 -11.27
CA THR A 202 -3.65 34.62 -11.08
C THR A 202 -2.49 34.01 -10.31
N LYS A 203 -2.77 33.48 -9.12
CA LYS A 203 -1.74 33.06 -8.14
C LYS A 203 -0.73 32.04 -8.68
N PRO A 204 0.54 32.46 -8.82
CA PRO A 204 1.58 31.58 -9.33
C PRO A 204 1.98 30.44 -8.39
N ILE A 205 2.56 29.38 -8.95
N ILE A 205 2.59 29.41 -8.98
CA ILE A 205 3.20 28.35 -8.15
CA ILE A 205 3.24 28.34 -8.24
C ILE A 205 4.56 28.88 -7.72
C ILE A 205 4.58 28.90 -7.73
N GLU A 206 4.92 28.60 -6.48
CA GLU A 206 6.21 29.02 -5.92
C GLU A 206 7.24 27.99 -6.31
N GLU A 207 8.28 28.43 -7.04
CA GLU A 207 9.31 27.52 -7.55
C GLU A 207 10.55 27.59 -6.65
N VAL A 208 10.97 26.44 -6.15
CA VAL A 208 12.04 26.33 -5.16
C VAL A 208 13.14 25.40 -5.70
N SER A 209 14.39 25.86 -5.65
CA SER A 209 15.53 25.06 -6.09
C SER A 209 16.13 24.30 -4.90
N LEU A 210 17.03 23.35 -5.18
CA LEU A 210 17.73 22.66 -4.10
C LEU A 210 18.56 23.64 -3.29
N ALA A 211 19.22 24.57 -3.99
CA ALA A 211 19.99 25.62 -3.33
C ALA A 211 19.14 26.42 -2.34
N ASP A 212 17.89 26.70 -2.71
CA ASP A 212 16.98 27.47 -1.88
C ASP A 212 16.72 26.81 -0.53
N ILE A 213 16.80 25.48 -0.50
CA ILE A 213 16.56 24.74 0.73
C ILE A 213 17.83 24.12 1.30
N GLY A 214 18.99 24.66 0.88
CA GLY A 214 20.27 24.26 1.44
C GLY A 214 20.81 22.92 1.01
N LEU A 215 20.33 22.39 -0.10
CA LEU A 215 20.75 21.09 -0.61
C LEU A 215 21.55 21.25 -1.88
N SER A 216 22.33 20.22 -2.19
CA SER A 216 23.10 20.17 -3.44
C SER A 216 22.87 18.83 -4.12
N ALA A 217 23.48 18.66 -5.28
CA ALA A 217 23.36 17.42 -6.06
C ALA A 217 23.82 16.20 -5.26
N ASN A 218 24.75 16.40 -4.33
CA ASN A 218 25.25 15.32 -3.46
C ASN A 218 24.27 14.81 -2.43
N ASP A 219 23.19 15.55 -2.19
CA ASP A 219 22.18 15.17 -1.20
C ASP A 219 21.02 14.38 -1.82
N VAL A 220 20.96 14.34 -3.15
CA VAL A 220 19.76 13.86 -3.84
C VAL A 220 20.11 12.95 -5.01
N GLY A 221 19.08 12.43 -5.67
CA GLY A 221 19.23 11.67 -6.89
C GLY A 221 19.47 10.21 -6.60
N ALA A 222 19.70 9.45 -7.67
CA ALA A 222 19.85 7.99 -7.59
C ALA A 222 20.99 7.54 -6.70
N ALA A 223 22.09 8.28 -6.67
CA ALA A 223 23.28 7.89 -5.90
C ALA A 223 23.07 7.94 -4.38
N GLN A 224 22.09 8.72 -3.94
CA GLN A 224 21.78 8.85 -2.50
C GLN A 224 20.56 8.04 -2.08
N SER A 225 19.93 7.37 -3.02
CA SER A 225 18.78 6.53 -2.74
C SER A 225 19.21 5.26 -2.00
N MET A 226 18.25 4.57 -1.38
N MET A 226 18.24 4.54 -1.45
CA MET A 226 18.56 3.42 -0.52
CA MET A 226 18.52 3.42 -0.56
C MET A 226 18.45 2.07 -1.25
C MET A 226 18.42 2.07 -1.25
N SER A 227 18.21 2.11 -2.56
CA SER A 227 18.35 0.95 -3.42
C SER A 227 18.74 1.50 -4.80
N ARG A 228 19.34 0.64 -5.62
CA ARG A 228 19.73 0.99 -6.98
C ARG A 228 18.93 0.15 -7.98
N VAL A 229 18.28 0.82 -8.93
CA VAL A 229 17.59 0.12 -10.01
C VAL A 229 18.61 -0.53 -10.93
N ARG A 230 18.52 -1.85 -11.09
CA ARG A 230 19.36 -2.59 -12.02
C ARG A 230 18.73 -2.57 -13.40
N ARG A 231 17.42 -2.80 -13.42
CA ARG A 231 16.65 -2.75 -14.65
C ARG A 231 15.15 -2.70 -14.36
N MET A 232 14.42 -2.25 -15.37
N MET A 232 14.41 -2.13 -15.30
CA MET A 232 12.99 -2.29 -15.38
CA MET A 232 12.96 -2.31 -15.37
C MET A 232 12.63 -3.08 -16.64
C MET A 232 12.71 -3.17 -16.59
N TYR A 233 11.71 -4.04 -16.50
CA TYR A 233 11.34 -4.89 -17.63
C TYR A 233 9.89 -5.27 -17.54
N ILE A 234 9.32 -5.60 -18.69
CA ILE A 234 7.93 -6.05 -18.78
C ILE A 234 7.97 -7.55 -18.49
N PRO A 235 7.42 -7.98 -17.35
CA PRO A 235 7.54 -9.40 -17.04
C PRO A 235 6.56 -10.24 -17.89
N GLU A 236 6.78 -11.55 -17.94
CA GLU A 236 5.77 -12.43 -18.49
C GLU A 236 4.74 -12.58 -17.39
N LYS A 237 3.49 -12.25 -17.68
CA LYS A 237 2.44 -12.36 -16.68
C LYS A 237 1.46 -13.43 -17.12
N GLY A 238 0.58 -13.82 -16.21
CA GLY A 238 -0.43 -14.82 -16.52
C GLY A 238 -1.36 -14.29 -17.58
N ARG A 239 -1.93 -15.20 -18.37
CA ARG A 239 -2.80 -14.84 -19.47
C ARG A 239 -4.18 -15.49 -19.35
N ALA A 240 -5.20 -14.68 -19.48
CA ALA A 240 -6.56 -15.19 -19.44
C ALA A 240 -6.92 -15.84 -20.77
N THR A 241 -8.00 -16.61 -20.75
CA THR A 241 -8.60 -17.11 -21.96
C THR A 241 -9.68 -16.13 -22.37
N MET A 242 -9.33 -15.32 -23.37
CA MET A 242 -10.17 -14.27 -23.87
C MET A 242 -11.28 -14.85 -24.74
N ILE A 243 -12.51 -14.55 -24.37
CA ILE A 243 -13.68 -15.01 -25.10
C ILE A 243 -14.01 -13.93 -26.13
N GLU A 244 -13.81 -14.28 -27.40
CA GLU A 244 -14.14 -13.40 -28.51
C GLU A 244 -15.53 -13.74 -29.03
N GLY A 245 -16.16 -12.73 -29.60
CA GLY A 245 -17.41 -12.92 -30.31
C GLY A 245 -18.30 -11.73 -30.04
N THR A 246 -19.59 -11.91 -30.29
CA THR A 246 -20.61 -10.94 -29.94
C THR A 246 -20.90 -10.94 -28.43
N ILE A 247 -21.57 -9.91 -27.96
CA ILE A 247 -22.03 -9.84 -26.59
C ILE A 247 -22.80 -11.11 -26.22
N SER A 248 -23.64 -11.55 -27.15
CA SER A 248 -24.50 -12.72 -26.93
C SER A 248 -23.70 -14.01 -26.70
N GLU A 249 -22.68 -14.23 -27.51
CA GLU A 249 -21.86 -15.42 -27.31
C GLU A 249 -20.88 -15.30 -26.17
N GLN A 250 -20.45 -14.09 -25.83
CA GLN A 250 -19.64 -13.90 -24.61
C GLN A 250 -20.48 -14.21 -23.37
N ALA A 251 -21.71 -13.71 -23.33
CA ALA A 251 -22.67 -14.06 -22.29
C ALA A 251 -22.98 -15.56 -22.27
N ALA A 252 -23.10 -16.17 -23.45
CA ALA A 252 -23.37 -17.61 -23.52
C ALA A 252 -22.24 -18.45 -22.91
N LYS A 253 -20.99 -18.03 -23.12
CA LYS A 253 -19.85 -18.73 -22.54
C LYS A 253 -19.83 -18.60 -21.02
N ILE A 254 -20.13 -17.40 -20.52
CA ILE A 254 -20.18 -17.18 -19.07
C ILE A 254 -21.21 -18.11 -18.44
N ILE A 255 -22.38 -18.22 -19.05
CA ILE A 255 -23.43 -19.09 -18.53
C ILE A 255 -23.00 -20.56 -18.51
N GLN A 256 -22.28 -20.98 -19.53
CA GLN A 256 -21.76 -22.35 -19.58
C GLN A 256 -20.77 -22.59 -18.46
N ILE A 257 -19.91 -21.60 -18.20
CA ILE A 257 -18.99 -21.64 -17.06
C ILE A 257 -19.76 -21.67 -15.73
N ILE A 258 -20.79 -20.84 -15.60
CA ILE A 258 -21.65 -20.88 -14.41
C ILE A 258 -22.27 -22.26 -14.21
N ASN A 259 -22.83 -22.82 -15.28
CA ASN A 259 -23.44 -24.15 -15.21
C ASN A 259 -22.44 -25.24 -14.89
N GLU A 260 -21.22 -25.14 -15.42
CA GLU A 260 -20.19 -26.13 -15.10
C GLU A 260 -19.92 -26.08 -13.60
N PHE A 261 -19.78 -24.87 -13.05
CA PHE A 261 -19.61 -24.68 -11.62
C PHE A 261 -20.77 -25.28 -10.82
N LYS A 262 -22.00 -25.04 -11.26
CA LYS A 262 -23.17 -25.45 -10.48
C LYS A 262 -23.42 -26.96 -10.46
N GLY A 263 -22.97 -27.67 -11.50
CA GLY A 263 -23.09 -29.12 -11.57
C GLY A 263 -21.80 -29.82 -11.14
N SER B 2 25.91 -15.48 8.62
CA SER B 2 25.08 -14.24 8.68
C SER B 2 23.74 -14.53 9.31
N LYS B 3 23.03 -13.47 9.68
CA LYS B 3 21.68 -13.60 10.22
C LYS B 3 20.65 -12.86 9.38
N ILE B 4 19.48 -13.46 9.25
CA ILE B 4 18.32 -12.81 8.66
C ILE B 4 17.32 -12.60 9.78
N LEU B 5 16.91 -11.35 9.98
CA LEU B 5 15.96 -10.99 11.02
C LEU B 5 14.57 -10.85 10.44
N VAL B 6 13.60 -11.53 11.06
CA VAL B 6 12.20 -11.49 10.65
C VAL B 6 11.36 -10.87 11.77
N ILE B 7 10.61 -9.82 11.44
CA ILE B 7 9.68 -9.22 12.40
C ILE B 7 8.31 -9.82 12.20
N ALA B 8 7.87 -10.60 13.18
CA ALA B 8 6.56 -11.23 13.15
C ALA B 8 5.45 -10.19 13.38
N GLU B 9 4.20 -10.63 13.25
CA GLU B 9 3.06 -9.72 13.38
C GLU B 9 1.90 -10.45 14.04
N HIS B 10 1.34 -9.80 15.06
CA HIS B 10 0.16 -10.31 15.76
C HIS B 10 -0.79 -9.15 16.00
N ARG B 11 -2.06 -9.48 16.27
CA ARG B 11 -3.09 -8.49 16.54
C ARG B 11 -4.22 -9.21 17.25
N ARG B 12 -4.79 -8.58 18.28
CA ARG B 12 -5.95 -9.15 19.01
C ARG B 12 -5.70 -10.58 19.48
N ASN B 13 -4.51 -10.85 20.03
CA ASN B 13 -4.13 -12.18 20.55
C ASN B 13 -3.84 -13.25 19.50
N ASP B 14 -3.91 -12.90 18.21
CA ASP B 14 -3.67 -13.87 17.14
C ASP B 14 -2.43 -13.51 16.35
N LEU B 15 -1.60 -14.50 16.05
CA LEU B 15 -0.48 -14.34 15.15
C LEU B 15 -1.02 -14.21 13.73
N ARG B 16 -0.59 -13.18 12.99
CA ARG B 16 -0.97 -13.06 11.58
C ARG B 16 -0.09 -14.01 10.76
N PRO B 17 -0.72 -14.85 9.91
CA PRO B 17 0.02 -15.91 9.19
C PRO B 17 1.11 -15.45 8.22
N VAL B 18 1.08 -14.18 7.83
CA VAL B 18 2.18 -13.61 7.08
C VAL B 18 3.53 -13.82 7.80
N SER B 19 3.50 -13.81 9.14
CA SER B 19 4.68 -14.12 9.94
C SER B 19 5.43 -15.37 9.45
N LEU B 20 4.70 -16.46 9.22
CA LEU B 20 5.31 -17.72 8.78
C LEU B 20 5.77 -17.67 7.33
N GLU B 21 5.11 -16.86 6.51
CA GLU B 21 5.56 -16.62 5.14
C GLU B 21 6.97 -16.00 5.13
N LEU B 22 7.18 -15.03 6.01
CA LEU B 22 8.50 -14.36 6.13
C LEU B 22 9.60 -15.32 6.56
N ILE B 23 9.26 -16.26 7.44
CA ILE B 23 10.19 -17.29 7.89
C ILE B 23 10.56 -18.16 6.70
N GLY B 24 9.56 -18.50 5.89
CA GLY B 24 9.79 -19.24 4.64
C GLY B 24 10.73 -18.48 3.74
N ALA B 25 10.42 -17.20 3.51
CA ALA B 25 11.25 -16.32 2.72
C ALA B 25 12.68 -16.25 3.25
N ALA B 26 12.84 -16.11 4.58
CA ALA B 26 14.17 -16.01 5.19
C ALA B 26 15.00 -17.27 4.96
N ASN B 27 14.38 -18.42 5.17
CA ASN B 27 15.08 -19.68 4.99
C ASN B 27 15.47 -19.97 3.55
N GLY B 28 14.62 -19.56 2.60
CA GLY B 28 14.90 -19.71 1.18
C GLY B 28 16.00 -18.79 0.71
N LEU B 29 16.19 -17.69 1.42
CA LEU B 29 17.09 -16.65 1.00
C LEU B 29 18.51 -16.85 1.50
N LYS B 30 18.68 -17.47 2.66
CA LYS B 30 20.00 -17.53 3.26
C LYS B 30 21.00 -18.40 2.48
N LYS B 31 22.23 -17.88 2.40
CA LYS B 31 23.28 -18.37 1.49
C LYS B 31 23.88 -19.69 1.94
N SER B 32 23.85 -19.93 3.25
CA SER B 32 24.61 -21.00 3.84
C SER B 32 23.78 -21.72 4.88
N GLY B 33 24.03 -23.02 5.02
CA GLY B 33 23.45 -23.81 6.11
C GLY B 33 23.69 -23.17 7.47
N GLU B 34 24.91 -22.69 7.68
CA GLU B 34 25.31 -22.01 8.91
C GLU B 34 24.56 -20.69 9.24
N ASP B 35 23.97 -20.03 8.24
CA ASP B 35 23.23 -18.79 8.48
C ASP B 35 22.03 -19.07 9.39
N LYS B 36 21.65 -18.10 10.22
CA LYS B 36 20.57 -18.28 11.19
C LYS B 36 19.39 -17.34 10.91
N VAL B 37 18.18 -17.84 11.12
CA VAL B 37 16.99 -16.99 11.05
C VAL B 37 16.57 -16.64 12.47
N VAL B 38 16.57 -15.34 12.74
CA VAL B 38 16.16 -14.76 14.02
C VAL B 38 14.78 -14.14 13.83
N VAL B 39 13.81 -14.61 14.61
CA VAL B 39 12.48 -14.05 14.58
C VAL B 39 12.22 -13.26 15.86
N ALA B 40 11.68 -12.05 15.71
CA ALA B 40 11.26 -11.25 16.85
C ALA B 40 9.75 -11.04 16.82
N VAL B 41 9.15 -11.09 18.00
CA VAL B 41 7.75 -10.79 18.19
C VAL B 41 7.70 -9.74 19.30
N ILE B 42 7.03 -8.63 19.01
CA ILE B 42 7.07 -7.44 19.87
C ILE B 42 5.68 -7.17 20.46
N GLY B 43 5.61 -7.01 21.78
CA GLY B 43 4.38 -6.65 22.48
C GLY B 43 4.46 -6.89 23.96
N SER B 44 3.62 -6.20 24.73
CA SER B 44 3.63 -6.34 26.20
C SER B 44 3.17 -7.72 26.68
N GLN B 45 2.43 -8.44 25.82
CA GLN B 45 1.98 -9.79 26.13
C GLN B 45 2.46 -10.82 25.09
N ALA B 46 3.63 -10.60 24.52
CA ALA B 46 4.06 -11.38 23.34
C ALA B 46 4.58 -12.80 23.65
N ASP B 47 4.87 -13.12 24.91
CA ASP B 47 5.25 -14.49 25.28
C ASP B 47 4.21 -15.52 24.85
N ALA B 48 2.96 -15.07 24.76
CA ALA B 48 1.86 -15.92 24.32
C ALA B 48 2.08 -16.51 22.93
N PHE B 49 2.92 -15.86 22.12
CA PHE B 49 3.15 -16.31 20.76
C PHE B 49 4.34 -17.26 20.55
N VAL B 50 5.05 -17.65 21.61
CA VAL B 50 6.22 -18.51 21.37
C VAL B 50 5.89 -19.91 20.84
N PRO B 51 4.82 -20.56 21.38
CA PRO B 51 4.44 -21.80 20.75
C PRO B 51 4.16 -21.69 19.24
N ALA B 52 3.42 -20.66 18.84
CA ALA B 52 3.04 -20.46 17.43
C ALA B 52 4.22 -20.02 16.57
N LEU B 53 5.29 -19.51 17.19
CA LEU B 53 6.50 -19.16 16.45
C LEU B 53 7.65 -20.17 16.68
N SER B 54 7.42 -21.21 17.47
CA SER B 54 8.42 -22.28 17.62
C SER B 54 8.20 -23.30 16.50
N VAL B 55 8.59 -22.88 15.29
CA VAL B 55 8.27 -23.59 14.07
C VAL B 55 9.53 -23.81 13.23
N ASN B 56 9.40 -24.69 12.24
CA ASN B 56 10.49 -25.07 11.37
C ASN B 56 11.13 -23.82 10.74
N GLY B 57 12.46 -23.75 10.79
CA GLY B 57 13.20 -22.64 10.17
C GLY B 57 13.49 -21.44 11.05
N VAL B 58 13.12 -21.52 12.34
CA VAL B 58 13.41 -20.46 13.31
C VAL B 58 14.54 -20.93 14.24
N ASP B 59 15.71 -20.28 14.11
CA ASP B 59 16.89 -20.63 14.91
C ASP B 59 16.89 -19.93 16.27
N GLU B 60 16.48 -18.67 16.27
CA GLU B 60 16.38 -17.87 17.49
C GLU B 60 15.06 -17.11 17.48
N LEU B 61 14.39 -17.09 18.62
CA LEU B 61 13.10 -16.41 18.80
C LEU B 61 13.23 -15.41 19.95
N VAL B 62 13.08 -14.13 19.65
CA VAL B 62 13.25 -13.06 20.62
C VAL B 62 11.90 -12.44 20.95
N VAL B 63 11.46 -12.57 22.19
CA VAL B 63 10.24 -11.92 22.68
C VAL B 63 10.63 -10.54 23.21
N VAL B 64 10.13 -9.49 22.54
CA VAL B 64 10.43 -8.12 22.93
C VAL B 64 9.23 -7.51 23.64
N LYS B 65 9.40 -7.18 24.92
CA LYS B 65 8.33 -6.58 25.70
C LYS B 65 8.47 -5.07 25.67
N GLY B 66 7.54 -4.41 24.98
CA GLY B 66 7.46 -2.96 25.00
C GLY B 66 6.19 -2.52 25.73
N SER B 67 5.90 -1.23 25.62
CA SER B 67 4.83 -0.61 26.40
C SER B 67 3.42 -0.87 25.84
N SER B 68 3.29 -1.21 24.57
CA SER B 68 1.97 -1.42 23.99
C SER B 68 1.69 -2.90 23.77
N ILE B 69 0.41 -3.25 23.78
CA ILE B 69 -0.01 -4.63 23.54
C ILE B 69 0.24 -5.01 22.08
N ASP B 70 -0.41 -4.26 21.19
CA ASP B 70 -0.25 -4.43 19.74
C ASP B 70 0.61 -3.31 19.13
N PHE B 71 0.63 -3.22 17.81
CA PHE B 71 1.50 -2.30 17.11
C PHE B 71 1.44 -0.85 17.56
N ASP B 72 2.62 -0.27 17.76
CA ASP B 72 2.80 1.14 17.98
C ASP B 72 4.06 1.49 17.20
N PRO B 73 4.00 2.54 16.35
CA PRO B 73 5.16 2.83 15.49
C PRO B 73 6.43 3.31 16.20
N ASP B 74 6.31 4.07 17.29
CA ASP B 74 7.49 4.49 18.04
C ASP B 74 8.11 3.27 18.74
N VAL B 75 7.27 2.46 19.39
CA VAL B 75 7.73 1.24 20.07
C VAL B 75 8.43 0.29 19.08
N PHE B 76 7.80 0.08 17.92
CA PHE B 76 8.36 -0.85 16.91
C PHE B 76 9.64 -0.37 16.29
N GLU B 77 9.70 0.91 15.92
CA GLU B 77 10.94 1.43 15.34
C GLU B 77 12.11 1.30 16.31
N ALA B 78 11.89 1.70 17.56
CA ALA B 78 12.93 1.60 18.59
C ALA B 78 13.36 0.14 18.81
N SER B 79 12.39 -0.76 18.93
CA SER B 79 12.64 -2.17 19.18
C SER B 79 13.41 -2.83 18.03
N VAL B 80 12.94 -2.62 16.80
CA VAL B 80 13.58 -3.19 15.62
C VAL B 80 14.98 -2.60 15.44
N SER B 81 15.13 -1.30 15.74
CA SER B 81 16.48 -0.70 15.67
C SER B 81 17.43 -1.39 16.65
N ALA B 82 16.96 -1.68 17.86
CA ALA B 82 17.81 -2.34 18.85
C ALA B 82 18.03 -3.82 18.48
N LEU B 83 17.06 -4.44 17.82
CA LEU B 83 17.23 -5.81 17.33
C LEU B 83 18.33 -5.87 16.25
N ILE B 84 18.33 -4.88 15.36
CA ILE B 84 19.32 -4.82 14.29
C ILE B 84 20.71 -4.62 14.90
N ALA B 85 20.81 -3.71 15.87
CA ALA B 85 22.05 -3.46 16.60
C ALA B 85 22.59 -4.72 17.29
N ALA B 86 21.70 -5.47 17.92
CA ALA B 86 22.09 -6.64 18.71
C ALA B 86 22.49 -7.82 17.85
N HIS B 87 21.77 -8.04 16.74
CA HIS B 87 21.98 -9.24 15.91
C HIS B 87 22.75 -9.01 14.61
N ASN B 88 22.98 -7.74 14.27
N ASN B 88 22.99 -7.75 14.23
CA ASN B 88 23.67 -7.34 13.05
CA ASN B 88 23.78 -7.46 13.04
C ASN B 88 23.30 -8.20 11.83
C ASN B 88 23.32 -8.20 11.77
N PRO B 89 21.99 -8.25 11.51
CA PRO B 89 21.55 -9.05 10.37
C PRO B 89 21.96 -8.40 9.05
N SER B 90 22.20 -9.24 8.05
N SER B 90 22.18 -9.23 8.04
CA SER B 90 22.44 -8.78 6.68
CA SER B 90 22.44 -8.76 6.69
C SER B 90 21.14 -8.31 6.06
C SER B 90 21.14 -8.32 6.02
N VAL B 91 20.07 -9.05 6.34
CA VAL B 91 18.74 -8.77 5.79
C VAL B 91 17.70 -8.77 6.92
N VAL B 92 16.80 -7.78 6.88
CA VAL B 92 15.68 -7.70 7.80
C VAL B 92 14.39 -7.78 6.98
N LEU B 93 13.53 -8.75 7.30
CA LEU B 93 12.27 -8.95 6.59
C LEU B 93 11.05 -8.53 7.43
N LEU B 94 10.29 -7.58 6.91
CA LEU B 94 9.02 -7.14 7.47
C LEU B 94 7.89 -7.49 6.51
N PRO B 95 6.67 -7.68 7.03
CA PRO B 95 5.53 -7.85 6.15
C PRO B 95 5.17 -6.49 5.56
N HIS B 96 4.72 -6.47 4.30
CA HIS B 96 4.19 -5.24 3.73
C HIS B 96 2.74 -5.13 4.20
N SER B 97 2.59 -4.78 5.46
CA SER B 97 1.31 -4.79 6.13
C SER B 97 1.03 -3.38 6.60
N VAL B 98 -0.20 -3.13 7.01
CA VAL B 98 -0.60 -1.81 7.52
C VAL B 98 0.30 -1.39 8.71
N ASP B 99 0.58 -2.32 9.61
CA ASP B 99 1.50 -2.06 10.73
C ASP B 99 2.87 -1.59 10.23
N SER B 100 3.50 -2.37 9.35
CA SER B 100 4.82 -1.99 8.80
C SER B 100 4.79 -0.61 8.14
N LEU B 101 3.69 -0.27 7.46
CA LEU B 101 3.60 1.04 6.80
C LEU B 101 3.82 2.18 7.80
N GLY B 102 3.46 1.93 9.06
CA GLY B 102 3.59 2.92 10.11
C GLY B 102 5.01 3.24 10.55
N TYR B 103 5.99 2.41 10.20
CA TYR B 103 7.37 2.65 10.66
C TYR B 103 8.51 2.22 9.73
N ALA B 104 8.27 1.30 8.80
CA ALA B 104 9.36 0.71 8.00
C ALA B 104 10.29 1.76 7.37
N SER B 105 9.70 2.76 6.72
CA SER B 105 10.51 3.74 5.99
C SER B 105 11.14 4.78 6.92
N SER B 106 10.62 4.90 8.15
CA SER B 106 11.20 5.78 9.14
C SER B 106 12.49 5.13 9.61
N LEU B 107 12.41 3.86 9.94
CA LEU B 107 13.56 3.05 10.31
C LEU B 107 14.70 3.20 9.32
N ALA B 108 14.36 3.17 8.05
CA ALA B 108 15.35 3.20 6.97
C ALA B 108 15.90 4.60 6.71
N SER B 109 15.16 5.65 7.07
CA SER B 109 15.60 7.04 6.91
C SER B 109 16.71 7.48 7.89
N LYS B 110 16.75 6.89 9.08
CA LYS B 110 17.67 7.35 10.13
C LYS B 110 19.11 6.87 9.92
N THR B 111 19.23 5.70 9.32
CA THR B 111 20.50 4.99 9.18
C THR B 111 20.79 4.74 7.70
N GLY B 112 22.00 4.29 7.41
CA GLY B 112 22.36 3.90 6.04
C GLY B 112 21.98 2.46 5.72
N TYR B 113 20.69 2.13 5.83
CA TYR B 113 20.22 0.77 5.49
C TYR B 113 19.65 0.75 4.10
N GLY B 114 19.94 -0.32 3.36
CA GLY B 114 19.22 -0.61 2.15
C GLY B 114 17.73 -0.75 2.47
N PHE B 115 16.90 -0.40 1.50
CA PHE B 115 15.46 -0.40 1.71
C PHE B 115 14.69 -0.54 0.41
N ALA B 116 13.74 -1.48 0.40
CA ALA B 116 12.75 -1.60 -0.68
C ALA B 116 11.47 -2.21 -0.13
N THR B 117 10.34 -1.85 -0.72
CA THR B 117 9.04 -2.27 -0.18
C THR B 117 8.21 -3.10 -1.16
N ASP B 118 7.30 -3.88 -0.60
CA ASP B 118 6.33 -4.68 -1.36
C ASP B 118 7.04 -5.57 -2.41
N VAL B 119 8.08 -6.24 -1.92
CA VAL B 119 8.97 -7.08 -2.71
C VAL B 119 8.34 -8.45 -2.89
N TYR B 120 8.37 -8.96 -4.13
CA TYR B 120 7.79 -10.26 -4.42
C TYR B 120 8.71 -11.25 -5.15
N ILE B 121 9.96 -10.84 -5.40
CA ILE B 121 11.04 -11.77 -5.71
C ILE B 121 12.27 -11.30 -4.94
N VAL B 122 12.98 -12.24 -4.32
CA VAL B 122 14.23 -11.90 -3.65
C VAL B 122 15.19 -13.09 -3.71
N GLU B 123 16.46 -12.81 -3.98
CA GLU B 123 17.46 -13.84 -4.07
C GLU B 123 18.84 -13.24 -3.85
N TYR B 124 19.81 -14.11 -3.59
CA TYR B 124 21.22 -13.74 -3.65
C TYR B 124 21.78 -14.17 -4.97
N GLN B 125 22.47 -13.24 -5.64
CA GLN B 125 23.32 -13.56 -6.75
C GLN B 125 24.74 -13.39 -6.23
N GLY B 126 25.35 -14.51 -5.86
CA GLY B 126 26.61 -14.50 -5.13
C GLY B 126 26.33 -13.92 -3.75
N ASP B 127 27.00 -12.84 -3.42
CA ASP B 127 26.80 -12.16 -2.14
C ASP B 127 25.93 -10.92 -2.32
N GLU B 128 25.36 -10.75 -3.52
CA GLU B 128 24.54 -9.59 -3.84
C GLU B 128 23.04 -9.86 -3.71
N LEU B 129 22.40 -9.15 -2.78
CA LEU B 129 20.95 -9.22 -2.60
C LEU B 129 20.24 -8.51 -3.76
N VAL B 130 19.34 -9.22 -4.43
CA VAL B 130 18.62 -8.69 -5.57
C VAL B 130 17.11 -8.86 -5.31
N ALA B 131 16.43 -7.73 -5.26
CA ALA B 131 15.02 -7.71 -4.91
C ALA B 131 14.21 -7.19 -6.11
N THR B 132 13.01 -7.73 -6.28
CA THR B 132 12.13 -7.28 -7.37
C THR B 132 10.79 -6.83 -6.82
N ARG B 133 10.38 -5.66 -7.30
CA ARG B 133 9.11 -5.09 -6.94
C ARG B 133 8.45 -4.59 -8.23
N GLY B 134 7.27 -4.00 -8.10
CA GLY B 134 6.53 -3.51 -9.25
C GLY B 134 6.84 -2.06 -9.59
N GLY B 135 6.43 -1.67 -10.78
CA GLY B 135 6.42 -0.27 -11.19
C GLY B 135 5.23 0.00 -12.07
N TYR B 136 4.82 1.27 -12.06
CA TYR B 136 3.74 1.77 -12.91
C TYR B 136 2.46 0.96 -12.85
N ASN B 137 1.89 0.91 -11.65
CA ASN B 137 0.68 0.15 -11.36
C ASN B 137 0.82 -1.31 -11.78
N GLN B 138 1.93 -1.94 -11.40
N GLN B 138 1.97 -1.86 -11.41
CA GLN B 138 2.21 -3.36 -11.70
CA GLN B 138 2.33 -3.25 -11.64
C GLN B 138 2.39 -3.70 -13.17
C GLN B 138 2.27 -3.64 -13.13
N LYS B 139 2.69 -2.72 -14.00
CA LYS B 139 2.88 -2.97 -15.43
C LYS B 139 4.30 -3.43 -15.75
N VAL B 140 5.24 -3.13 -14.86
CA VAL B 140 6.62 -3.62 -15.00
C VAL B 140 7.12 -4.26 -13.71
N ASN B 141 8.23 -4.97 -13.83
CA ASN B 141 9.04 -5.33 -12.68
C ASN B 141 10.23 -4.39 -12.61
N VAL B 142 10.58 -3.97 -11.40
CA VAL B 142 11.76 -3.17 -11.14
C VAL B 142 12.69 -4.02 -10.27
N GLU B 143 13.88 -4.29 -10.78
CA GLU B 143 14.85 -5.12 -10.09
C GLU B 143 15.93 -4.20 -9.49
N VAL B 144 16.15 -4.33 -8.18
CA VAL B 144 17.04 -3.44 -7.46
C VAL B 144 18.08 -4.24 -6.69
N ASP B 145 19.22 -3.61 -6.44
CA ASP B 145 20.18 -4.10 -5.46
C ASP B 145 20.54 -2.98 -4.47
N PHE B 146 21.48 -3.26 -3.57
CA PHE B 146 21.74 -2.39 -2.43
C PHE B 146 23.24 -2.24 -2.23
N PRO B 147 23.90 -1.58 -3.21
CA PRO B 147 25.35 -1.53 -3.19
C PRO B 147 25.93 -0.95 -1.89
N GLY B 148 26.81 -1.71 -1.25
CA GLY B 148 27.50 -1.25 -0.06
C GLY B 148 26.71 -1.25 1.23
N LYS B 149 25.49 -1.82 1.21
CA LYS B 149 24.65 -1.83 2.41
C LYS B 149 24.83 -3.13 3.17
N SER B 150 25.43 -3.05 4.35
CA SER B 150 25.64 -4.26 5.15
C SER B 150 24.35 -4.70 5.86
N THR B 151 23.35 -3.82 5.94
CA THR B 151 21.99 -4.19 6.36
C THR B 151 20.94 -3.68 5.37
N VAL B 152 20.08 -4.59 4.93
CA VAL B 152 19.00 -4.27 4.02
C VAL B 152 17.67 -4.64 4.67
N VAL B 153 16.78 -3.66 4.74
CA VAL B 153 15.43 -3.82 5.23
C VAL B 153 14.47 -3.94 4.03
N LEU B 154 13.73 -5.04 3.97
CA LEU B 154 12.71 -5.25 2.93
C LEU B 154 11.37 -5.40 3.59
N THR B 155 10.33 -4.84 2.99
CA THR B 155 8.97 -5.28 3.27
C THR B 155 8.55 -6.24 2.15
N ILE B 156 7.87 -7.31 2.55
CA ILE B 156 7.61 -8.44 1.69
C ILE B 156 6.13 -8.55 1.43
N ARG B 157 5.76 -8.66 0.16
CA ARG B 157 4.36 -8.76 -0.23
C ARG B 157 3.74 -10.02 0.38
N PRO B 158 2.61 -9.86 1.10
CA PRO B 158 1.89 -11.04 1.60
C PRO B 158 1.38 -11.98 0.50
N SER B 159 1.22 -13.25 0.86
CA SER B 159 0.69 -14.31 0.01
C SER B 159 1.53 -14.59 -1.25
N VAL B 160 2.84 -14.44 -1.13
CA VAL B 160 3.78 -14.74 -2.23
C VAL B 160 4.71 -15.87 -1.80
N PHE B 161 5.30 -15.75 -0.61
CA PHE B 161 6.29 -16.73 -0.12
C PHE B 161 5.62 -17.82 0.72
N LYS B 162 6.03 -19.07 0.50
CA LYS B 162 5.36 -20.21 1.13
C LYS B 162 5.95 -20.49 2.52
N PRO B 163 5.08 -20.70 3.51
CA PRO B 163 5.57 -21.14 4.82
C PRO B 163 6.15 -22.56 4.79
N LEU B 164 7.08 -22.82 5.71
CA LEU B 164 7.56 -24.18 5.95
C LEU B 164 6.53 -24.94 6.77
N GLU B 165 6.66 -26.27 6.74
CA GLU B 165 5.79 -27.15 7.50
C GLU B 165 6.55 -27.66 8.73
N GLY B 166 5.83 -27.83 9.82
CA GLY B 166 6.36 -28.50 11.00
C GLY B 166 6.87 -27.59 12.11
N ALA B 167 7.18 -28.23 13.24
CA ALA B 167 7.68 -27.57 14.43
C ALA B 167 9.16 -27.23 14.34
N GLY B 168 9.63 -26.48 15.33
CA GLY B 168 11.04 -26.13 15.46
C GLY B 168 11.40 -26.00 16.93
N SER B 169 12.68 -25.84 17.21
CA SER B 169 13.17 -25.69 18.56
C SER B 169 14.12 -24.50 18.64
N PRO B 170 13.59 -23.28 18.45
CA PRO B 170 14.47 -22.11 18.53
C PRO B 170 15.03 -21.90 19.94
N VAL B 171 16.16 -21.22 20.03
CA VAL B 171 16.61 -20.67 21.30
C VAL B 171 15.73 -19.45 21.56
N VAL B 172 14.93 -19.52 22.62
CA VAL B 172 14.00 -18.45 22.96
C VAL B 172 14.67 -17.49 23.95
N SER B 173 14.52 -16.19 23.71
CA SER B 173 15.04 -15.19 24.65
C SER B 173 14.05 -14.05 24.84
N ASN B 174 14.19 -13.35 25.95
CA ASN B 174 13.36 -12.19 26.26
C ASN B 174 14.21 -10.93 26.42
N VAL B 175 13.80 -9.84 25.76
CA VAL B 175 14.43 -8.54 25.93
C VAL B 175 13.36 -7.48 26.22
N ASP B 176 13.75 -6.42 26.92
CA ASP B 176 12.91 -5.24 27.03
C ASP B 176 13.17 -4.37 25.82
N ALA B 177 12.11 -3.77 25.30
CA ALA B 177 12.21 -2.75 24.28
C ALA B 177 12.89 -1.52 24.87
N PRO B 178 13.55 -0.70 24.04
CA PRO B 178 14.08 0.54 24.59
C PRO B 178 12.99 1.38 25.23
N SER B 179 13.35 2.07 26.31
CA SER B 179 12.42 2.88 27.07
C SER B 179 12.30 4.27 26.51
N VAL B 180 11.47 4.44 25.49
CA VAL B 180 11.06 5.79 25.09
C VAL B 180 9.54 5.84 24.99
N GLN B 181 8.97 6.92 25.50
CA GLN B 181 7.52 7.15 25.56
C GLN B 181 6.95 7.42 24.17
N SER B 182 5.94 6.64 23.79
CA SER B 182 5.35 6.80 22.46
C SER B 182 4.56 8.11 22.35
N ARG B 183 4.55 8.66 21.14
CA ARG B 183 3.83 9.89 20.87
C ARG B 183 2.40 9.63 20.41
N SER B 184 1.95 8.38 20.54
CA SER B 184 0.56 8.03 20.34
C SER B 184 0.12 6.94 21.34
N GLN B 185 -1.19 6.79 21.49
CA GLN B 185 -1.77 5.76 22.34
C GLN B 185 -2.91 5.07 21.59
N ASN B 186 -2.85 3.75 21.54
CA ASN B 186 -3.86 2.94 20.87
C ASN B 186 -5.12 2.89 21.72
N LYS B 187 -6.27 2.98 21.06
CA LYS B 187 -7.56 2.94 21.74
C LYS B 187 -8.34 1.76 21.15
N ASP B 188 -9.66 1.86 21.01
CA ASP B 188 -10.47 0.69 20.62
C ASP B 188 -10.15 0.20 19.20
N TYR B 189 -10.24 -1.12 19.01
CA TYR B 189 -10.49 -1.65 17.67
C TYR B 189 -11.97 -1.42 17.37
N VAL B 190 -12.27 -1.22 16.09
CA VAL B 190 -13.61 -0.88 15.63
C VAL B 190 -13.95 -1.63 14.35
N GLU B 191 -15.21 -2.09 14.26
CA GLU B 191 -15.81 -2.46 12.98
C GLU B 191 -16.97 -1.51 12.68
N VAL B 192 -16.89 -0.80 11.56
CA VAL B 192 -17.88 0.26 11.25
C VAL B 192 -19.25 -0.29 10.87
N GLY B 193 -20.26 0.53 11.05
CA GLY B 193 -21.65 0.16 10.76
C GLY B 193 -21.84 -0.19 9.30
N GLY B 194 -23.10 -0.35 8.92
CA GLY B 194 -23.44 -0.81 7.59
C GLY B 194 -23.94 -2.23 7.68
N GLY B 195 -24.80 -2.59 6.74
CA GLY B 195 -25.46 -3.88 6.71
C GLY B 195 -24.48 -5.03 6.69
N ASN B 196 -24.89 -6.15 7.27
CA ASN B 196 -24.06 -7.33 7.42
C ASN B 196 -24.95 -8.57 7.39
N ASP B 197 -25.72 -8.72 6.32
CA ASP B 197 -26.68 -9.82 6.20
C ASP B 197 -26.05 -11.10 5.66
N ILE B 198 -24.84 -10.99 5.13
CA ILE B 198 -24.13 -12.12 4.53
C ILE B 198 -22.64 -12.05 4.89
N ASP B 199 -22.09 -13.20 5.30
CA ASP B 199 -20.66 -13.36 5.57
C ASP B 199 -20.01 -13.83 4.28
N ILE B 200 -19.40 -12.91 3.55
CA ILE B 200 -18.89 -13.21 2.21
C ILE B 200 -17.66 -14.13 2.23
N THR B 201 -17.11 -14.40 3.42
CA THR B 201 -16.05 -15.39 3.54
C THR B 201 -16.60 -16.81 3.45
N THR B 202 -17.92 -16.97 3.53
CA THR B 202 -18.57 -18.29 3.50
C THR B 202 -19.23 -18.66 2.16
N VAL B 203 -19.29 -17.74 1.22
CA VAL B 203 -20.07 -17.96 -0.01
C VAL B 203 -19.22 -18.52 -1.15
N ASP B 204 -19.84 -19.31 -2.04
CA ASP B 204 -19.07 -19.98 -3.11
C ASP B 204 -19.15 -19.34 -4.51
N PHE B 205 -20.09 -18.43 -4.73
CA PHE B 205 -20.34 -17.86 -6.06
C PHE B 205 -20.56 -16.37 -5.90
N ILE B 206 -19.59 -15.59 -6.37
CA ILE B 206 -19.61 -14.14 -6.24
C ILE B 206 -19.59 -13.43 -7.61
N MET B 207 -20.43 -12.40 -7.72
CA MET B 207 -20.34 -11.40 -8.77
C MET B 207 -19.93 -10.10 -8.08
N SER B 208 -18.82 -9.51 -8.54
CA SER B 208 -18.20 -8.38 -7.87
C SER B 208 -18.11 -7.22 -8.83
N ILE B 209 -18.49 -6.03 -8.35
CA ILE B 209 -18.54 -4.83 -9.16
C ILE B 209 -17.50 -3.83 -8.67
N GLY B 210 -16.94 -3.09 -9.62
CA GLY B 210 -15.94 -2.08 -9.31
C GLY B 210 -16.29 -0.72 -9.87
N ARG B 211 -15.30 0.16 -9.89
CA ARG B 211 -15.51 1.56 -10.26
C ARG B 211 -16.06 1.71 -11.68
N GLY B 212 -15.85 0.70 -12.52
CA GLY B 212 -16.35 0.71 -13.88
C GLY B 212 -17.85 0.78 -14.04
N ILE B 213 -18.62 0.53 -12.98
CA ILE B 213 -20.10 0.69 -13.06
C ILE B 213 -20.56 2.14 -13.17
N GLY B 214 -19.70 3.09 -12.84
CA GLY B 214 -20.03 4.50 -12.99
C GLY B 214 -20.87 4.95 -11.81
N GLU B 215 -22.10 5.33 -12.07
CA GLU B 215 -22.92 6.01 -11.08
C GLU B 215 -23.65 4.98 -10.18
N GLU B 216 -24.05 5.41 -8.99
CA GLU B 216 -24.72 4.51 -8.03
C GLU B 216 -26.02 3.90 -8.58
N THR B 217 -26.70 4.61 -9.47
CA THR B 217 -27.90 4.09 -10.13
C THR B 217 -27.65 2.81 -10.94
N ASN B 218 -26.40 2.56 -11.31
CA ASN B 218 -26.05 1.33 -12.01
C ASN B 218 -25.82 0.11 -11.11
N VAL B 219 -25.88 0.29 -9.78
CA VAL B 219 -25.71 -0.83 -8.87
C VAL B 219 -26.85 -1.83 -8.99
N GLU B 220 -28.08 -1.33 -9.06
CA GLU B 220 -29.27 -2.19 -9.00
C GLU B 220 -29.29 -3.29 -10.07
N GLN B 221 -28.90 -2.97 -11.30
CA GLN B 221 -28.91 -3.96 -12.37
C GLN B 221 -27.98 -5.14 -12.12
N PHE B 222 -26.88 -4.91 -11.39
CA PHE B 222 -25.94 -5.98 -11.01
C PHE B 222 -26.41 -6.78 -9.81
N ARG B 223 -27.14 -6.12 -8.91
CA ARG B 223 -27.88 -6.79 -7.84
C ARG B 223 -28.92 -7.76 -8.41
N GLU B 224 -29.63 -7.31 -9.45
CA GLU B 224 -30.64 -8.13 -10.12
C GLU B 224 -29.99 -9.31 -10.81
N LEU B 225 -28.87 -9.07 -11.50
CA LEU B 225 -28.11 -10.13 -12.16
C LEU B 225 -27.63 -11.18 -11.17
N ALA B 226 -27.04 -10.71 -10.06
CA ALA B 226 -26.56 -11.58 -8.99
C ALA B 226 -27.67 -12.47 -8.44
N ASP B 227 -28.82 -11.85 -8.15
CA ASP B 227 -29.99 -12.57 -7.68
C ASP B 227 -30.49 -13.62 -8.69
N GLU B 228 -30.57 -13.25 -9.97
CA GLU B 228 -31.02 -14.17 -11.01
C GLU B 228 -30.05 -15.35 -11.19
N ALA B 229 -28.76 -15.10 -10.96
CA ALA B 229 -27.71 -16.10 -11.12
C ALA B 229 -27.49 -16.97 -9.90
N GLY B 230 -27.96 -16.52 -8.74
CA GLY B 230 -27.70 -17.18 -7.46
C GLY B 230 -26.29 -16.91 -6.95
N ALA B 231 -25.80 -15.70 -7.23
CA ALA B 231 -24.51 -15.24 -6.74
C ALA B 231 -24.71 -14.19 -5.65
N THR B 232 -23.66 -13.99 -4.86
CA THR B 232 -23.58 -12.96 -3.85
C THR B 232 -22.90 -11.75 -4.44
N LEU B 233 -23.53 -10.58 -4.33
CA LEU B 233 -22.98 -9.35 -4.86
C LEU B 233 -21.91 -8.79 -3.93
N CYS B 234 -20.68 -8.69 -4.44
CA CYS B 234 -19.59 -8.08 -3.71
C CYS B 234 -19.02 -6.90 -4.51
N CYS B 235 -18.01 -6.24 -3.96
CA CYS B 235 -17.46 -5.07 -4.63
C CYS B 235 -16.01 -4.80 -4.28
N SER B 236 -15.39 -3.90 -5.05
CA SER B 236 -14.07 -3.38 -4.77
C SER B 236 -14.23 -2.20 -3.83
N GLU B 237 -13.11 -1.65 -3.38
CA GLU B 237 -13.12 -0.59 -2.38
C GLU B 237 -13.88 0.68 -2.76
N PRO B 238 -13.71 1.20 -4.01
CA PRO B 238 -14.41 2.48 -4.31
C PRO B 238 -15.95 2.42 -4.15
N ILE B 239 -16.53 1.25 -4.37
CA ILE B 239 -17.99 1.10 -4.30
C ILE B 239 -18.44 1.20 -2.86
N ALA B 240 -17.69 0.53 -1.99
CA ALA B 240 -17.95 0.54 -0.55
C ALA B 240 -17.57 1.86 0.12
N ASP B 241 -16.44 2.44 -0.28
CA ASP B 241 -16.05 3.77 0.26
C ASP B 241 -17.14 4.80 -0.04
N ALA B 242 -17.81 4.65 -1.18
CA ALA B 242 -18.83 5.61 -1.62
C ALA B 242 -20.16 5.39 -0.90
N GLY B 243 -20.27 4.27 -0.20
CA GLY B 243 -21.48 3.90 0.53
C GLY B 243 -22.51 3.20 -0.33
N TRP B 244 -22.12 2.74 -1.53
CA TRP B 244 -23.07 2.19 -2.50
C TRP B 244 -23.42 0.73 -2.23
N LEU B 245 -22.50 0.04 -1.57
CA LEU B 245 -22.75 -1.29 -1.02
C LEU B 245 -22.07 -1.32 0.33
N PRO B 246 -22.57 -2.16 1.25
CA PRO B 246 -21.96 -2.17 2.59
C PRO B 246 -20.50 -2.65 2.61
N LYS B 247 -19.76 -2.21 3.62
CA LYS B 247 -18.34 -2.58 3.76
C LYS B 247 -18.20 -4.10 3.86
N SER B 248 -19.21 -4.75 4.43
CA SER B 248 -19.23 -6.21 4.55
C SER B 248 -19.17 -6.94 3.20
N ARG B 249 -19.43 -6.23 2.10
CA ARG B 249 -19.37 -6.82 0.77
C ARG B 249 -18.05 -6.51 0.04
N GLN B 250 -17.15 -5.78 0.70
CA GLN B 250 -15.88 -5.37 0.08
C GLN B 250 -14.86 -6.51 0.11
N VAL B 251 -14.29 -6.82 -1.05
CA VAL B 251 -13.28 -7.87 -1.21
C VAL B 251 -11.90 -7.24 -1.33
N GLY B 252 -10.94 -7.76 -0.56
CA GLY B 252 -9.55 -7.32 -0.62
C GLY B 252 -8.92 -7.12 0.74
N GLN B 253 -7.73 -6.53 0.75
CA GLN B 253 -6.94 -6.38 1.97
C GLN B 253 -7.69 -5.72 3.14
N SER B 254 -8.23 -4.54 2.90
CA SER B 254 -9.00 -3.80 3.88
C SER B 254 -10.39 -4.41 4.12
N GLY B 255 -10.88 -5.17 3.14
CA GLY B 255 -12.15 -5.87 3.26
C GLY B 255 -11.90 -7.32 3.65
N LYS B 256 -12.62 -8.22 3.00
CA LYS B 256 -12.59 -9.65 3.36
C LYS B 256 -11.90 -10.50 2.30
N VAL B 257 -11.37 -11.64 2.73
CA VAL B 257 -10.87 -12.68 1.82
C VAL B 257 -12.01 -13.68 1.59
N VAL B 258 -12.31 -13.94 0.34
CA VAL B 258 -13.45 -14.80 0.01
C VAL B 258 -13.00 -16.27 -0.10
N GLY B 259 -12.66 -16.84 1.05
CA GLY B 259 -12.02 -18.14 1.15
C GLY B 259 -12.84 -19.30 0.63
N SER B 260 -14.16 -19.17 0.68
CA SER B 260 -15.06 -20.23 0.21
C SER B 260 -15.43 -20.11 -1.27
N CYS B 261 -15.03 -19.01 -1.91
CA CYS B 261 -15.48 -18.73 -3.27
C CYS B 261 -14.80 -19.63 -4.32
N LYS B 262 -15.61 -20.30 -5.12
CA LYS B 262 -15.15 -21.17 -6.22
C LYS B 262 -15.22 -20.48 -7.59
N LEU B 263 -16.18 -19.57 -7.73
CA LEU B 263 -16.40 -18.81 -8.97
C LEU B 263 -16.57 -17.32 -8.63
N TYR B 264 -15.71 -16.47 -9.21
CA TYR B 264 -15.71 -15.03 -8.97
C TYR B 264 -15.77 -14.30 -10.30
N VAL B 265 -16.84 -13.55 -10.54
CA VAL B 265 -16.99 -12.74 -11.73
C VAL B 265 -16.72 -11.28 -11.40
N ALA B 266 -15.57 -10.78 -11.87
CA ALA B 266 -15.08 -9.42 -11.59
C ALA B 266 -15.44 -8.47 -12.74
N MET B 267 -16.39 -7.60 -12.49
CA MET B 267 -16.93 -6.69 -13.52
C MET B 267 -16.60 -5.23 -13.22
N GLY B 268 -15.83 -4.60 -14.10
CA GLY B 268 -15.41 -3.22 -13.93
C GLY B 268 -14.41 -3.03 -12.79
N ILE B 269 -13.57 -4.04 -12.57
CA ILE B 269 -12.53 -4.05 -11.52
C ILE B 269 -11.15 -4.22 -12.19
N SER B 270 -10.23 -3.28 -11.95
CA SER B 270 -8.90 -3.32 -12.60
C SER B 270 -8.00 -4.46 -12.13
N GLY B 271 -8.19 -4.90 -10.90
CA GLY B 271 -7.34 -5.90 -10.28
C GLY B 271 -6.12 -5.34 -9.57
N SER B 272 -6.31 -4.30 -8.77
CA SER B 272 -5.25 -3.80 -7.89
C SER B 272 -4.74 -4.95 -7.01
N ILE B 273 -3.51 -4.81 -6.54
CA ILE B 273 -2.88 -5.77 -5.63
C ILE B 273 -3.75 -6.02 -4.40
N GLN B 274 -4.28 -4.95 -3.83
CA GLN B 274 -5.12 -5.06 -2.64
C GLN B 274 -6.46 -5.75 -2.90
N HIS B 275 -7.03 -5.59 -4.09
CA HIS B 275 -8.22 -6.37 -4.44
C HIS B 275 -7.89 -7.86 -4.62
N MET B 276 -6.81 -8.12 -5.35
CA MET B 276 -6.31 -9.47 -5.59
C MET B 276 -6.07 -10.23 -4.29
N ALA B 277 -5.57 -9.54 -3.26
CA ALA B 277 -5.32 -10.17 -1.97
C ALA B 277 -6.55 -10.89 -1.43
N GLY B 278 -7.74 -10.39 -1.76
CA GLY B 278 -9.00 -10.97 -1.30
C GLY B 278 -9.56 -12.11 -2.17
N MET B 279 -9.10 -12.23 -3.41
CA MET B 279 -9.73 -13.18 -4.35
C MET B 279 -8.83 -13.94 -5.34
N LYS B 280 -7.51 -13.74 -5.27
CA LYS B 280 -6.62 -14.36 -6.26
C LYS B 280 -6.53 -15.89 -6.16
N HIS B 281 -6.94 -16.44 -5.02
CA HIS B 281 -6.99 -17.88 -4.78
C HIS B 281 -8.20 -18.57 -5.42
N VAL B 282 -9.19 -17.80 -5.89
CA VAL B 282 -10.43 -18.41 -6.40
C VAL B 282 -10.13 -19.27 -7.65
N PRO B 283 -10.56 -20.55 -7.64
CA PRO B 283 -10.21 -21.44 -8.75
C PRO B 283 -10.69 -21.02 -10.14
N THR B 284 -11.86 -20.38 -10.24
CA THR B 284 -12.35 -19.89 -11.54
C THR B 284 -12.74 -18.42 -11.42
N ILE B 285 -11.91 -17.57 -11.99
CA ILE B 285 -12.15 -16.14 -12.04
C ILE B 285 -12.48 -15.75 -13.49
N ILE B 286 -13.61 -15.06 -13.65
CA ILE B 286 -14.00 -14.42 -14.92
C ILE B 286 -13.85 -12.92 -14.75
N ALA B 287 -13.16 -12.27 -15.67
CA ALA B 287 -13.04 -10.82 -15.65
C ALA B 287 -13.77 -10.22 -16.85
N VAL B 288 -14.56 -9.18 -16.58
CA VAL B 288 -15.25 -8.43 -17.64
C VAL B 288 -14.81 -6.96 -17.52
N ASN B 289 -14.03 -6.51 -18.49
CA ASN B 289 -13.33 -5.24 -18.39
C ASN B 289 -12.90 -4.78 -19.79
N THR B 290 -13.21 -3.54 -20.13
CA THR B 290 -12.91 -3.00 -21.45
C THR B 290 -11.42 -2.60 -21.63
N ASP B 291 -10.63 -2.68 -20.55
CA ASP B 291 -9.20 -2.41 -20.64
C ASP B 291 -8.41 -3.71 -20.71
N PRO B 292 -7.92 -4.08 -21.91
CA PRO B 292 -7.14 -5.34 -22.00
C PRO B 292 -5.86 -5.31 -21.15
N GLY B 293 -5.34 -4.13 -20.85
CA GLY B 293 -4.19 -3.97 -19.97
C GLY B 293 -4.48 -4.03 -18.47
N ALA B 294 -5.73 -4.28 -18.09
CA ALA B 294 -6.09 -4.35 -16.66
C ALA B 294 -5.40 -5.54 -15.97
N SER B 295 -4.83 -5.30 -14.79
CA SER B 295 -4.13 -6.34 -14.03
C SER B 295 -4.96 -7.60 -13.78
N ILE B 296 -6.28 -7.43 -13.68
CA ILE B 296 -7.19 -8.54 -13.40
C ILE B 296 -7.05 -9.70 -14.39
N PHE B 297 -6.78 -9.38 -15.66
CA PHE B 297 -6.59 -10.41 -16.69
C PHE B 297 -5.33 -11.28 -16.47
N THR B 298 -4.39 -10.82 -15.63
CA THR B 298 -3.19 -11.59 -15.34
C THR B 298 -3.46 -12.71 -14.35
N ILE B 299 -4.64 -12.71 -13.73
CA ILE B 299 -5.05 -13.82 -12.85
C ILE B 299 -6.37 -14.49 -13.26
N ALA B 300 -7.14 -13.89 -14.16
CA ALA B 300 -8.42 -14.47 -14.56
C ALA B 300 -8.19 -15.72 -15.39
N LYS B 301 -9.05 -16.72 -15.22
CA LYS B 301 -9.07 -17.86 -16.12
C LYS B 301 -9.72 -17.46 -17.45
N TYR B 302 -10.82 -16.71 -17.36
CA TYR B 302 -11.57 -16.27 -18.52
C TYR B 302 -11.66 -14.75 -18.56
N GLY B 303 -11.48 -14.17 -19.73
CA GLY B 303 -11.56 -12.73 -19.90
C GLY B 303 -12.49 -12.32 -21.00
N ILE B 304 -13.29 -11.30 -20.73
CA ILE B 304 -14.15 -10.72 -21.74
C ILE B 304 -13.85 -9.24 -21.78
N VAL B 305 -13.26 -8.80 -22.89
CA VAL B 305 -12.98 -7.38 -23.09
C VAL B 305 -14.22 -6.76 -23.73
N ALA B 306 -15.18 -6.42 -22.87
CA ALA B 306 -16.47 -5.88 -23.32
C ALA B 306 -17.12 -5.04 -22.23
N ASP B 307 -18.07 -4.21 -22.65
CA ASP B 307 -18.82 -3.33 -21.78
C ASP B 307 -19.66 -4.14 -20.78
N ILE B 308 -19.51 -3.85 -19.50
CA ILE B 308 -20.16 -4.61 -18.44
C ILE B 308 -21.68 -4.47 -18.46
N PHE B 309 -22.19 -3.34 -18.93
CA PHE B 309 -23.65 -3.12 -18.95
C PHE B 309 -24.29 -3.95 -20.07
N ASP B 310 -23.68 -3.93 -21.24
CA ASP B 310 -24.11 -4.79 -22.35
C ASP B 310 -24.02 -6.26 -21.93
N ILE B 311 -22.91 -6.65 -21.31
CA ILE B 311 -22.78 -8.05 -20.84
C ILE B 311 -23.84 -8.38 -19.78
N GLU B 312 -23.98 -7.52 -18.77
CA GLU B 312 -24.98 -7.75 -17.72
C GLU B 312 -26.41 -7.94 -18.29
N GLU B 313 -26.82 -7.07 -19.21
CA GLU B 313 -28.18 -7.15 -19.73
C GLU B 313 -28.37 -8.45 -20.55
N GLU B 314 -27.39 -8.83 -21.36
CA GLU B 314 -27.47 -10.06 -22.15
C GLU B 314 -27.46 -11.30 -21.26
N LEU B 315 -26.64 -11.27 -20.22
CA LEU B 315 -26.57 -12.35 -19.25
C LEU B 315 -27.94 -12.55 -18.59
N LYS B 316 -28.51 -11.45 -18.09
CA LYS B 316 -29.84 -11.49 -17.46
C LYS B 316 -30.88 -12.09 -18.37
N ALA B 317 -30.91 -11.65 -19.62
CA ALA B 317 -31.89 -12.13 -20.59
C ALA B 317 -31.72 -13.63 -20.87
N GLN B 318 -30.48 -14.07 -21.04
CA GLN B 318 -30.20 -15.49 -21.27
C GLN B 318 -30.53 -16.35 -20.05
N LEU B 319 -30.29 -15.84 -18.85
CA LEU B 319 -30.61 -16.57 -17.62
C LEU B 319 -32.11 -16.79 -17.43
N ALA B 320 -32.94 -15.92 -17.99
CA ALA B 320 -34.40 -15.97 -17.84
C ALA B 320 -35.08 -16.89 -18.85
P AMP C . 4.68 6.68 -1.97
O1P AMP C . 5.37 7.57 -2.96
O2P AMP C . 5.47 6.38 -0.73
O3P AMP C . 4.11 5.45 -2.60
O5' AMP C . 3.46 7.55 -1.36
C5' AMP C . 2.79 8.55 -2.12
C4' AMP C . 2.57 9.78 -1.27
O4' AMP C . 3.81 10.28 -0.77
C3' AMP C . 1.92 10.88 -2.08
O3' AMP C . 0.50 10.82 -1.93
C2' AMP C . 2.54 12.13 -1.51
O2' AMP C . 1.84 12.57 -0.34
C1' AMP C . 3.92 11.65 -1.10
N9 AMP C . 4.86 11.81 -2.22
C8 AMP C . 5.50 10.85 -2.93
N7 AMP C . 6.31 11.39 -3.84
C5 AMP C . 6.19 12.72 -3.73
C6 AMP C . 6.75 13.89 -4.41
N6 AMP C . 7.62 13.69 -5.42
N1 AMP C . 6.38 15.12 -3.97
C2 AMP C . 5.51 15.28 -2.96
N3 AMP C . 4.94 14.25 -2.29
C4 AMP C . 5.24 12.99 -2.65
PA FAD D . -10.31 1.04 -10.94
O1A FAD D . -10.50 2.48 -11.33
O2A FAD D . -8.87 0.72 -10.69
O5B FAD D . -10.84 0.09 -12.12
C5B FAD D . -12.02 0.38 -12.84
C4B FAD D . -12.03 -0.57 -14.02
O4B FAD D . -13.25 -0.53 -14.71
C3B FAD D . -10.94 -0.24 -15.04
O3B FAD D . -10.07 -1.34 -15.17
C2B FAD D . -11.70 0.07 -16.32
O2B FAD D . -11.04 -0.42 -17.46
C1B FAD D . -13.03 -0.63 -16.09
N9A FAD D . -14.18 -0.08 -16.80
C8A FAD D . -14.61 1.22 -16.85
N7A FAD D . -15.73 1.26 -17.59
C5A FAD D . -16.04 0.02 -17.99
C6A FAD D . -17.08 -0.50 -18.78
N6A FAD D . -18.09 0.27 -19.19
N1A FAD D . -17.09 -1.85 -19.02
C2A FAD D . -16.12 -2.69 -18.53
N3A FAD D . -15.09 -2.17 -17.77
C4A FAD D . -15.06 -0.84 -17.50
N1 FAD D . -9.16 -2.30 -3.01
C2 FAD D . -10.15 -3.24 -2.97
O2 FAD D . -10.84 -3.39 -3.97
N3 FAD D . -10.39 -3.92 -1.81
C4 FAD D . -9.62 -3.69 -0.69
O4 FAD D . -9.95 -4.27 0.36
C4X FAD D . -8.59 -2.73 -0.74
N5 FAD D . -7.77 -2.46 0.35
C5X FAD D . -6.78 -1.50 0.24
C6 FAD D . -5.96 -1.23 1.34
C7 FAD D . -4.94 -0.29 1.25
C7M FAD D . -3.98 -0.16 2.40
C8 FAD D . -4.75 0.42 0.05
C8M FAD D . -3.55 1.30 -0.15
C9 FAD D . -5.56 0.15 -1.04
C9A FAD D . -6.58 -0.80 -0.96
N10 FAD D . -7.40 -1.06 -2.05
C10 FAD D . -8.37 -2.03 -1.93
C1' FAD D . -7.67 0.03 -3.06
C2' FAD D . -6.93 -0.23 -4.37
O2' FAD D . -5.63 0.33 -4.33
C3' FAD D . -7.65 0.32 -5.60
O3' FAD D . -7.94 1.69 -5.47
C4' FAD D . -8.98 -0.37 -5.91
O4' FAD D . -8.86 -1.77 -5.77
C5' FAD D . -9.45 0.00 -7.32
O5' FAD D . -10.78 -0.43 -7.47
P FAD D . -11.42 -0.68 -8.93
O1P FAD D . -10.70 -1.80 -9.61
O2P FAD D . -12.89 -0.95 -8.74
O3P FAD D . -11.28 0.73 -9.69
#